data_2HTR
#
_entry.id   2HTR
#
_cell.length_a   90.370
_cell.length_b   90.370
_cell.length_c   111.460
_cell.angle_alpha   90.00
_cell.angle_beta   90.00
_cell.angle_gamma   90.00
#
_symmetry.space_group_name_H-M   'I 4'
#
loop_
_entity.id
_entity.type
_entity.pdbx_description
1 polymer Neuraminidase
2 non-polymer '2-DEOXY-2,3-DEHYDRO-N-ACETYL-NEURAMINIC ACID'
#
_entity_poly.entity_id   1
_entity_poly.type   'polypeptide(L)'
_entity_poly.pdbx_seq_one_letter_code
;TYMNNTEAICDAKGFAPFSKDNGIRIGSRGHIFVIREPFVSCSPIECRTFFLTQGSLLNDKHSNGTVKDRSPFRTLMSVE
VGQSPNVYQARFEAVAWSATACHDGKKWMTVGVTGPDSKAVAVIHYGGVPTDVVNSWAGDILRTQESSCTCIQGDCYWVM
TDGPANRQAQYRIYKANQGRIIGQTDISFNGGHIEECSCYPNDGKVECVCRDGWTGTNRPVLVISPDLSYRVGYLCAGIP
SDTPRGEDTQFTGSCTSPMGNQGYGVKGFGFRQGTDVWMGRTISRTSRSGFEILRIKNGWTQTSKEQIRKQVVVDNLNWS
GYSGSFTLPVELSGKDCLVPCFWVEMIRGKPEEKTIWTSSSSIVMCGVDYEVADWSWHDGAILPFDIDKM
;
_entity_poly.pdbx_strand_id   A
#
# COMPACT_ATOMS: atom_id res chain seq x y z
N THR A 1 -15.77 10.27 -18.78
CA THR A 1 -15.94 11.31 -17.74
C THR A 1 -15.16 10.96 -16.48
N TYR A 2 -15.04 11.94 -15.57
CA TYR A 2 -14.31 11.75 -14.32
C TYR A 2 -15.08 10.99 -13.25
N MET A 3 -14.34 10.30 -12.38
CA MET A 3 -14.94 9.57 -11.27
C MET A 3 -15.09 10.57 -10.13
N ASN A 4 -16.32 10.80 -9.68
CA ASN A 4 -16.54 11.74 -8.60
C ASN A 4 -15.79 11.34 -7.33
N ASN A 5 -16.02 10.12 -6.86
CA ASN A 5 -15.38 9.62 -5.65
C ASN A 5 -15.50 10.61 -4.52
N THR A 6 -16.72 11.13 -4.32
CA THR A 6 -16.99 12.10 -3.27
C THR A 6 -17.83 11.44 -2.18
N GLU A 7 -18.27 10.21 -2.44
CA GLU A 7 -19.08 9.46 -1.48
C GLU A 7 -18.21 9.13 -0.27
N ALA A 8 -18.84 8.60 0.76
CA ALA A 8 -18.14 8.22 1.97
C ALA A 8 -17.87 6.72 1.91
N ILE A 9 -16.86 6.27 2.65
CA ILE A 9 -16.53 4.87 2.71
C ILE A 9 -17.72 4.10 3.27
N CYS A 10 -17.96 2.90 2.73
CA CYS A 10 -19.05 2.05 3.19
C CYS A 10 -18.67 1.48 4.55
N ASP A 11 -19.66 1.37 5.43
CA ASP A 11 -19.45 0.79 6.76
C ASP A 11 -19.56 -0.71 6.58
N ALA A 12 -18.43 -1.41 6.68
CA ALA A 12 -18.40 -2.85 6.49
C ALA A 12 -18.34 -3.62 7.81
N LYS A 13 -18.79 -4.87 7.79
CA LYS A 13 -18.79 -5.72 8.98
C LYS A 13 -17.66 -6.73 8.92
N GLY A 14 -17.12 -6.93 7.73
CA GLY A 14 -16.05 -7.89 7.54
C GLY A 14 -15.64 -7.77 6.08
N PHE A 15 -14.64 -8.53 5.65
CA PHE A 15 -14.17 -8.46 4.27
C PHE A 15 -14.15 -9.84 3.62
N ALA A 16 -14.59 -9.92 2.36
CA ALA A 16 -14.61 -11.19 1.65
C ALA A 16 -13.50 -11.26 0.61
N PRO A 17 -12.99 -12.47 0.31
CA PRO A 17 -11.93 -12.58 -0.69
C PRO A 17 -12.37 -12.11 -2.08
N PHE A 18 -11.54 -11.33 -2.74
CA PHE A 18 -11.82 -10.82 -4.10
C PHE A 18 -11.03 -11.70 -5.07
N SER A 19 -9.74 -11.87 -4.80
CA SER A 19 -8.89 -12.68 -5.65
C SER A 19 -7.62 -13.21 -4.99
N LYS A 20 -6.90 -14.06 -5.71
CA LYS A 20 -5.65 -14.64 -5.23
C LYS A 20 -4.92 -15.04 -6.51
N ASP A 21 -3.77 -14.45 -6.77
CA ASP A 21 -3.04 -14.75 -8.01
C ASP A 21 -2.19 -16.03 -8.03
N ASN A 22 -1.66 -16.45 -6.89
CA ASN A 22 -0.82 -17.64 -6.83
C ASN A 22 0.42 -17.42 -7.69
N GLY A 23 0.91 -16.19 -7.71
CA GLY A 23 2.05 -15.85 -8.52
C GLY A 23 3.29 -16.72 -8.41
N ILE A 24 3.71 -16.99 -7.18
CA ILE A 24 4.91 -17.79 -6.94
C ILE A 24 4.74 -19.28 -7.21
N ARG A 25 3.64 -19.88 -6.74
CA ARG A 25 3.40 -21.31 -7.00
C ARG A 25 3.44 -21.56 -8.49
N ILE A 26 2.72 -20.72 -9.23
CA ILE A 26 2.65 -20.82 -10.68
C ILE A 26 4.05 -20.58 -11.29
N GLY A 27 4.74 -19.58 -10.75
CA GLY A 27 6.08 -19.25 -11.24
C GLY A 27 7.09 -20.39 -11.14
N SER A 28 6.69 -21.48 -10.49
CA SER A 28 7.55 -22.64 -10.34
C SER A 28 7.82 -23.25 -11.73
N ARG A 29 6.82 -23.22 -12.59
CA ARG A 29 6.96 -23.73 -13.96
C ARG A 29 6.74 -22.63 -15.01
N GLY A 30 5.84 -21.70 -14.72
CA GLY A 30 5.54 -20.63 -15.65
C GLY A 30 6.53 -19.48 -15.70
N HIS A 31 6.27 -18.53 -16.58
CA HIS A 31 7.12 -17.36 -16.76
C HIS A 31 6.51 -16.17 -16.05
N ILE A 32 6.83 -16.07 -14.76
CA ILE A 32 6.32 -15.03 -13.89
C ILE A 32 7.43 -14.07 -13.46
N PHE A 33 7.15 -12.78 -13.52
CA PHE A 33 8.13 -11.77 -13.11
C PHE A 33 8.37 -11.97 -11.62
N VAL A 34 9.60 -11.69 -11.18
CA VAL A 34 9.92 -11.75 -9.77
C VAL A 34 9.39 -10.36 -9.38
N ILE A 35 8.60 -10.27 -8.32
CA ILE A 35 8.07 -8.97 -7.94
C ILE A 35 8.24 -8.64 -6.46
N ARG A 36 7.57 -7.57 -6.06
CA ARG A 36 7.60 -7.06 -4.70
C ARG A 36 6.73 -5.80 -4.80
N GLU A 37 6.19 -5.36 -3.66
CA GLU A 37 5.33 -4.17 -3.63
C GLU A 37 4.11 -4.23 -4.57
N PRO A 38 3.33 -5.32 -4.55
CA PRO A 38 2.18 -5.34 -5.44
C PRO A 38 1.05 -4.54 -4.81
N PHE A 39 0.16 -3.98 -5.61
CA PHE A 39 -0.95 -3.22 -5.06
C PHE A 39 -2.11 -3.13 -6.05
N VAL A 40 -3.28 -2.75 -5.55
CA VAL A 40 -4.46 -2.68 -6.38
C VAL A 40 -5.03 -1.29 -6.51
N SER A 41 -5.53 -0.99 -7.71
CA SER A 41 -6.16 0.28 -8.02
C SER A 41 -7.19 -0.06 -9.08
N CYS A 42 -8.31 0.66 -9.11
CA CYS A 42 -9.37 0.34 -10.06
C CYS A 42 -9.80 1.48 -10.96
N SER A 43 -10.28 1.11 -12.14
CA SER A 43 -10.80 2.05 -13.11
C SER A 43 -12.31 1.79 -13.03
N PRO A 44 -13.13 2.65 -13.64
CA PRO A 44 -14.56 2.35 -13.54
C PRO A 44 -14.99 1.13 -14.39
N ILE A 45 -14.02 0.39 -14.90
CA ILE A 45 -14.32 -0.78 -15.72
C ILE A 45 -13.65 -2.06 -15.22
N GLU A 46 -12.52 -1.93 -14.55
CA GLU A 46 -11.82 -3.10 -14.02
C GLU A 46 -10.83 -2.68 -12.95
N CYS A 47 -10.37 -3.65 -12.18
CA CYS A 47 -9.38 -3.38 -11.16
C CYS A 47 -8.13 -4.09 -11.63
N ARG A 48 -6.99 -3.46 -11.42
CA ARG A 48 -5.72 -4.03 -11.85
C ARG A 48 -4.78 -4.22 -10.68
N THR A 49 -3.81 -5.11 -10.87
CA THR A 49 -2.81 -5.34 -9.85
C THR A 49 -1.49 -4.80 -10.36
N PHE A 50 -0.98 -3.79 -9.69
CA PHE A 50 0.28 -3.19 -10.08
C PHE A 50 1.42 -3.82 -9.30
N PHE A 51 2.62 -3.79 -9.87
CA PHE A 51 3.76 -4.40 -9.20
C PHE A 51 5.08 -3.90 -9.72
N LEU A 52 6.12 -4.06 -8.91
CA LEU A 52 7.46 -3.65 -9.30
C LEU A 52 8.22 -4.91 -9.59
N THR A 53 8.80 -4.99 -10.78
CA THR A 53 9.55 -6.17 -11.16
C THR A 53 11.02 -5.91 -11.03
N GLN A 54 11.79 -6.99 -11.05
CA GLN A 54 13.24 -6.91 -10.97
C GLN A 54 13.77 -7.15 -12.39
N GLY A 55 12.86 -7.09 -13.35
CA GLY A 55 13.23 -7.30 -14.74
C GLY A 55 13.74 -8.72 -14.95
N SER A 56 13.31 -9.62 -14.08
CA SER A 56 13.73 -11.02 -14.14
C SER A 56 12.56 -11.95 -13.84
N LEU A 57 12.75 -13.24 -14.12
CA LEU A 57 11.70 -14.22 -13.90
C LEU A 57 12.00 -15.26 -12.82
N LEU A 58 10.93 -15.74 -12.17
CA LEU A 58 11.05 -16.76 -11.14
C LEU A 58 11.72 -18.00 -11.74
N ASN A 59 12.54 -18.67 -10.93
CA ASN A 59 13.28 -19.88 -11.31
C ASN A 59 14.36 -19.64 -12.37
N ASP A 60 14.84 -18.40 -12.42
CA ASP A 60 15.89 -18.01 -13.35
C ASP A 60 17.03 -17.37 -12.56
N LYS A 61 18.24 -17.46 -13.11
CA LYS A 61 19.43 -16.92 -12.45
C LYS A 61 19.38 -15.41 -12.20
N HIS A 62 18.62 -14.68 -13.01
CA HIS A 62 18.50 -13.24 -12.85
C HIS A 62 17.68 -12.84 -11.62
N SER A 63 17.05 -13.84 -10.99
CA SER A 63 16.27 -13.56 -9.80
C SER A 63 17.17 -13.62 -8.56
N ASN A 64 18.48 -13.63 -8.79
CA ASN A 64 19.46 -13.71 -7.69
C ASN A 64 19.31 -12.67 -6.57
N GLY A 65 20.11 -11.62 -6.58
CA GLY A 65 20.02 -10.64 -5.50
C GLY A 65 18.78 -9.76 -5.53
N THR A 66 17.63 -10.36 -5.83
CA THR A 66 16.37 -9.62 -5.92
C THR A 66 15.80 -9.26 -4.56
N VAL A 67 16.64 -8.73 -3.69
CA VAL A 67 16.21 -8.34 -2.35
C VAL A 67 16.58 -6.88 -2.08
N LYS A 68 17.53 -6.38 -2.88
CA LYS A 68 18.05 -5.02 -2.72
C LYS A 68 17.08 -3.84 -2.72
N ASP A 69 15.88 -4.05 -3.27
CA ASP A 69 14.84 -3.01 -3.32
C ASP A 69 14.93 -2.02 -4.47
N ARG A 70 16.13 -1.78 -4.99
CA ARG A 70 16.28 -0.83 -6.09
C ARG A 70 17.34 -1.29 -7.07
N SER A 71 17.19 -0.86 -8.31
CA SER A 71 18.11 -1.19 -9.39
C SER A 71 17.58 -0.53 -10.65
N PRO A 72 18.43 -0.40 -11.68
CA PRO A 72 17.99 0.22 -12.93
C PRO A 72 17.09 -0.69 -13.77
N PHE A 73 16.87 -1.91 -13.32
CA PHE A 73 16.04 -2.87 -14.05
C PHE A 73 14.61 -2.87 -13.53
N ARG A 74 14.47 -2.41 -12.29
CA ARG A 74 13.19 -2.32 -11.58
C ARG A 74 12.16 -1.60 -12.45
N THR A 75 11.03 -2.25 -12.70
CA THR A 75 10.00 -1.68 -13.57
C THR A 75 8.57 -1.81 -13.00
N LEU A 76 7.71 -0.84 -13.28
CA LEU A 76 6.32 -0.89 -12.82
C LEU A 76 5.44 -1.43 -13.94
N MET A 77 4.61 -2.43 -13.63
CA MET A 77 3.73 -3.02 -14.63
C MET A 77 2.41 -3.42 -13.99
N SER A 78 1.47 -3.95 -14.78
CA SER A 78 0.19 -4.36 -14.22
C SER A 78 -0.57 -5.43 -15.01
N VAL A 79 -1.46 -6.12 -14.30
CA VAL A 79 -2.31 -7.16 -14.88
C VAL A 79 -3.66 -6.95 -14.20
N GLU A 80 -4.69 -7.67 -14.62
CA GLU A 80 -5.99 -7.51 -13.98
C GLU A 80 -5.97 -8.32 -12.68
N VAL A 81 -6.62 -7.80 -11.63
CA VAL A 81 -6.63 -8.48 -10.34
C VAL A 81 -6.86 -9.97 -10.44
N GLY A 82 -6.04 -10.73 -9.73
CA GLY A 82 -6.16 -12.17 -9.74
C GLY A 82 -5.19 -12.86 -10.67
N GLN A 83 -4.71 -12.14 -11.67
CA GLN A 83 -3.75 -12.72 -12.60
C GLN A 83 -2.38 -12.63 -11.97
N SER A 84 -1.55 -13.62 -12.24
CA SER A 84 -0.21 -13.61 -11.71
C SER A 84 0.55 -12.53 -12.48
N PRO A 85 1.62 -11.99 -11.87
CA PRO A 85 2.38 -10.95 -12.58
C PRO A 85 3.21 -11.62 -13.67
N ASN A 86 2.52 -12.31 -14.59
CA ASN A 86 3.18 -13.02 -15.68
C ASN A 86 3.55 -12.11 -16.86
N VAL A 87 4.58 -12.53 -17.58
CA VAL A 87 5.10 -11.78 -18.71
C VAL A 87 4.15 -11.56 -19.90
N TYR A 88 3.39 -12.59 -20.27
CA TYR A 88 2.53 -12.50 -21.44
C TYR A 88 1.19 -11.77 -21.30
N GLN A 89 0.79 -11.45 -20.07
CA GLN A 89 -0.47 -10.72 -19.84
C GLN A 89 -0.17 -9.36 -19.18
N ALA A 90 1.11 -9.03 -19.05
CA ALA A 90 1.54 -7.78 -18.42
C ALA A 90 1.55 -6.56 -19.32
N ARG A 91 1.31 -5.42 -18.70
CA ARG A 91 1.27 -4.15 -19.36
C ARG A 91 2.39 -3.30 -18.74
N PHE A 92 3.16 -2.62 -19.55
CA PHE A 92 4.23 -1.79 -19.01
C PHE A 92 3.62 -0.47 -18.51
N GLU A 93 4.13 0.02 -17.40
CA GLU A 93 3.64 1.26 -16.82
C GLU A 93 4.74 2.33 -16.77
N ALA A 94 5.75 2.11 -15.95
CA ALA A 94 6.85 3.06 -15.83
C ALA A 94 8.15 2.41 -15.32
N VAL A 95 9.27 3.09 -15.56
CA VAL A 95 10.55 2.60 -15.07
C VAL A 95 10.52 3.07 -13.61
N ALA A 96 10.49 2.13 -12.68
CA ALA A 96 10.41 2.46 -11.26
C ALA A 96 10.87 1.41 -10.26
N TRP A 97 11.38 1.86 -9.12
CA TRP A 97 11.75 0.95 -8.05
C TRP A 97 10.94 1.40 -6.83
N SER A 98 9.93 2.20 -7.12
CA SER A 98 8.96 2.74 -6.16
C SER A 98 7.86 3.39 -7.01
N ALA A 99 6.60 3.02 -6.78
CA ALA A 99 5.49 3.55 -7.57
C ALA A 99 4.14 3.79 -6.87
N THR A 100 3.21 4.32 -7.64
CA THR A 100 1.83 4.57 -7.22
C THR A 100 1.00 4.77 -8.49
N ALA A 101 -0.24 4.30 -8.49
CA ALA A 101 -1.12 4.42 -9.66
C ALA A 101 -2.58 4.65 -9.26
N CYS A 102 -3.34 5.28 -10.16
CA CYS A 102 -4.77 5.55 -9.93
C CYS A 102 -5.43 6.00 -11.22
N HIS A 103 -6.72 5.73 -11.34
CA HIS A 103 -7.51 6.09 -12.53
C HIS A 103 -8.48 7.21 -12.14
N ASP A 104 -8.59 8.25 -12.96
CA ASP A 104 -9.50 9.36 -12.67
C ASP A 104 -10.88 9.18 -13.31
N GLY A 105 -11.07 8.10 -14.06
CA GLY A 105 -12.34 7.87 -14.69
C GLY A 105 -12.23 7.95 -16.19
N LYS A 106 -11.15 8.54 -16.67
CA LYS A 106 -10.91 8.66 -18.09
C LYS A 106 -9.69 7.85 -18.48
N LYS A 107 -8.57 8.08 -17.80
CA LYS A 107 -7.33 7.35 -18.08
C LYS A 107 -6.54 6.99 -16.82
N TRP A 108 -5.48 6.17 -16.98
CA TRP A 108 -4.65 5.79 -15.84
C TRP A 108 -3.48 6.76 -15.67
N MET A 109 -3.16 7.07 -14.42
CA MET A 109 -2.03 7.94 -14.13
C MET A 109 -1.09 7.11 -13.28
N THR A 110 0.17 7.05 -13.67
CA THR A 110 1.13 6.30 -12.88
C THR A 110 2.27 7.22 -12.50
N VAL A 111 3.03 6.81 -11.48
CA VAL A 111 4.17 7.57 -11.02
C VAL A 111 5.28 6.59 -10.68
N GLY A 112 6.31 6.55 -11.51
CA GLY A 112 7.42 5.66 -11.25
C GLY A 112 8.66 6.44 -10.89
N VAL A 113 9.31 6.06 -9.80
CA VAL A 113 10.52 6.73 -9.38
C VAL A 113 11.69 5.82 -9.71
N THR A 114 12.70 6.38 -10.39
CA THR A 114 13.88 5.62 -10.77
C THR A 114 15.06 6.58 -10.71
N GLY A 115 16.24 6.12 -11.12
CA GLY A 115 17.40 6.99 -11.08
C GLY A 115 18.24 6.79 -9.83
N PRO A 116 19.34 7.53 -9.69
CA PRO A 116 20.23 7.43 -8.54
C PRO A 116 19.54 7.86 -7.24
N ASP A 117 19.95 7.26 -6.13
CA ASP A 117 19.36 7.56 -4.83
C ASP A 117 19.46 9.02 -4.43
N SER A 118 20.59 9.65 -4.73
CA SER A 118 20.83 11.04 -4.38
C SER A 118 20.21 12.05 -5.35
N LYS A 119 19.61 11.58 -6.43
CA LYS A 119 19.01 12.45 -7.42
C LYS A 119 17.96 11.73 -8.26
N ALA A 120 17.14 10.92 -7.61
CA ALA A 120 16.10 10.17 -8.28
C ALA A 120 15.09 11.07 -8.98
N VAL A 121 14.46 10.51 -10.00
CA VAL A 121 13.47 11.24 -10.73
C VAL A 121 12.18 10.41 -10.74
N ALA A 122 11.08 11.09 -10.44
CA ALA A 122 9.78 10.45 -10.45
C ALA A 122 9.09 10.92 -11.73
N VAL A 123 8.86 10.02 -12.67
CA VAL A 123 8.20 10.36 -13.91
C VAL A 123 6.71 10.01 -13.82
N ILE A 124 5.87 10.97 -14.20
CA ILE A 124 4.43 10.82 -14.17
C ILE A 124 3.89 10.50 -15.56
N HIS A 125 3.11 9.43 -15.67
CA HIS A 125 2.52 9.01 -16.94
C HIS A 125 1.02 9.21 -16.90
N TYR A 126 0.42 9.38 -18.07
CA TYR A 126 -1.02 9.55 -18.20
C TYR A 126 -1.47 9.07 -19.58
N GLY A 127 -2.39 8.11 -19.61
CA GLY A 127 -2.85 7.59 -20.87
C GLY A 127 -1.78 6.80 -21.62
N GLY A 128 -0.75 6.39 -20.89
CA GLY A 128 0.32 5.60 -21.49
C GLY A 128 1.55 6.38 -21.92
N VAL A 129 1.63 7.64 -21.54
CA VAL A 129 2.80 8.45 -21.90
C VAL A 129 3.18 9.39 -20.77
N PRO A 130 4.48 9.65 -20.59
CA PRO A 130 4.92 10.55 -19.53
C PRO A 130 4.40 11.96 -19.79
N THR A 131 3.97 12.63 -18.72
CA THR A 131 3.43 13.98 -18.86
C THR A 131 4.13 15.03 -17.98
N ASP A 132 4.60 14.64 -16.80
CA ASP A 132 5.29 15.60 -15.93
C ASP A 132 6.32 14.89 -15.06
N VAL A 133 7.17 15.67 -14.40
CA VAL A 133 8.21 15.10 -13.56
C VAL A 133 8.39 15.77 -12.21
N VAL A 134 8.87 14.99 -11.24
CA VAL A 134 9.16 15.47 -9.90
C VAL A 134 10.57 15.00 -9.60
N ASN A 135 11.52 15.92 -9.44
CA ASN A 135 12.89 15.52 -9.14
C ASN A 135 13.07 15.43 -7.64
N SER A 136 14.03 14.63 -7.21
CA SER A 136 14.32 14.47 -5.79
C SER A 136 14.58 15.87 -5.24
N TRP A 137 13.83 16.26 -4.21
CA TRP A 137 14.00 17.60 -3.64
C TRP A 137 14.91 17.62 -2.39
N ALA A 138 15.27 16.46 -1.88
CA ALA A 138 16.14 16.37 -0.70
C ALA A 138 17.32 15.40 -0.90
N GLY A 139 17.57 15.03 -2.15
CA GLY A 139 18.67 14.14 -2.47
C GLY A 139 18.85 12.83 -1.73
N ASP A 140 17.78 12.21 -1.25
CA ASP A 140 17.92 10.96 -0.51
C ASP A 140 16.78 9.97 -0.73
N ILE A 141 16.89 9.16 -1.76
CA ILE A 141 15.89 8.15 -2.09
C ILE A 141 14.45 8.69 -2.15
N LEU A 142 14.13 9.43 -3.19
CA LEU A 142 12.77 9.95 -3.36
C LEU A 142 11.89 8.71 -3.48
N ARG A 143 10.81 8.66 -2.71
CA ARG A 143 9.93 7.50 -2.75
C ARG A 143 8.45 7.85 -2.62
N THR A 144 7.58 6.89 -2.91
CA THR A 144 6.16 7.16 -2.76
C THR A 144 5.37 6.00 -2.16
N GLN A 145 4.06 6.02 -2.35
CA GLN A 145 3.15 5.04 -1.76
C GLN A 145 3.28 3.51 -1.89
N GLU A 146 3.58 3.01 -3.09
CA GLU A 146 3.67 1.57 -3.32
C GLU A 146 2.25 1.07 -3.14
N SER A 147 1.32 1.98 -3.36
CA SER A 147 -0.11 1.71 -3.23
C SER A 147 -0.89 2.68 -4.10
N SER A 148 -2.18 2.39 -4.28
CA SER A 148 -3.03 3.24 -5.11
C SER A 148 -3.15 4.69 -4.67
N CYS A 149 -2.94 5.63 -5.60
CA CYS A 149 -3.11 7.05 -5.28
C CYS A 149 -4.60 7.33 -5.30
N THR A 150 -4.99 8.59 -5.15
CA THR A 150 -6.41 8.90 -5.08
C THR A 150 -6.90 10.01 -6.00
N CYS A 151 -7.96 9.73 -6.75
CA CYS A 151 -8.51 10.72 -7.65
C CYS A 151 -9.93 11.11 -7.24
N ILE A 152 -10.15 12.40 -7.04
CA ILE A 152 -11.46 12.90 -6.66
C ILE A 152 -11.85 14.01 -7.64
N GLN A 153 -12.87 13.73 -8.46
CA GLN A 153 -13.36 14.69 -9.46
C GLN A 153 -12.34 15.16 -10.49
N GLY A 154 -11.52 14.24 -10.99
CA GLY A 154 -10.53 14.61 -11.99
C GLY A 154 -9.12 14.84 -11.47
N ASP A 155 -9.01 15.40 -10.27
CA ASP A 155 -7.71 15.65 -9.66
C ASP A 155 -7.23 14.48 -8.83
N CYS A 156 -6.02 14.01 -9.13
CA CYS A 156 -5.46 12.87 -8.40
C CYS A 156 -4.37 13.34 -7.43
N TYR A 157 -4.33 12.70 -6.28
CA TYR A 157 -3.37 13.02 -5.22
C TYR A 157 -2.55 11.82 -4.78
N TRP A 158 -1.40 12.12 -4.19
CA TRP A 158 -0.53 11.08 -3.64
C TRP A 158 0.50 11.71 -2.73
N VAL A 159 1.15 10.89 -1.92
CA VAL A 159 2.15 11.35 -0.97
C VAL A 159 3.54 10.85 -1.31
N MET A 160 4.54 11.68 -1.06
CA MET A 160 5.92 11.33 -1.35
C MET A 160 6.85 11.75 -0.21
N THR A 161 7.92 10.98 -0.04
CA THR A 161 8.92 11.23 0.99
C THR A 161 10.31 11.32 0.34
N ASP A 162 11.20 12.06 0.98
CA ASP A 162 12.57 12.19 0.51
C ASP A 162 13.40 12.53 1.75
N GLY A 163 14.32 11.62 2.09
CA GLY A 163 15.16 11.83 3.25
C GLY A 163 15.53 10.49 3.85
N PRO A 164 16.22 10.49 5.00
CA PRO A 164 16.63 9.23 5.66
C PRO A 164 15.48 8.34 6.10
N ALA A 165 15.78 7.05 6.27
CA ALA A 165 14.80 6.06 6.70
C ALA A 165 14.70 6.02 8.22
N ASN A 166 15.63 6.72 8.90
CA ASN A 166 15.65 6.80 10.35
C ASN A 166 15.12 8.16 10.76
N ARG A 167 16.05 9.03 11.17
CA ARG A 167 15.73 10.39 11.60
C ARG A 167 14.75 11.14 10.70
N GLN A 168 14.50 12.40 11.05
CA GLN A 168 13.60 13.26 10.30
C GLN A 168 13.80 13.14 8.79
N ALA A 169 12.71 13.17 8.05
CA ALA A 169 12.75 13.11 6.60
C ALA A 169 11.84 14.23 6.09
N GLN A 170 11.63 14.31 4.79
CA GLN A 170 10.75 15.33 4.23
C GLN A 170 9.61 14.67 3.46
N TYR A 171 8.38 15.15 3.73
CA TYR A 171 7.19 14.60 3.09
C TYR A 171 6.39 15.69 2.42
N ARG A 172 5.78 15.35 1.29
CA ARG A 172 5.00 16.30 0.52
C ARG A 172 3.76 15.65 -0.05
N ILE A 173 2.76 16.48 -0.33
CA ILE A 173 1.54 16.01 -0.94
C ILE A 173 1.54 16.56 -2.35
N TYR A 174 1.17 15.74 -3.31
CA TYR A 174 1.12 16.18 -4.68
C TYR A 174 -0.29 16.04 -5.19
N LYS A 175 -0.67 16.91 -6.11
CA LYS A 175 -2.00 16.92 -6.71
C LYS A 175 -1.83 17.15 -8.21
N ALA A 176 -2.56 16.41 -9.02
CA ALA A 176 -2.45 16.57 -10.47
C ALA A 176 -3.76 16.33 -11.19
N ASN A 177 -3.82 16.82 -12.42
CA ASN A 177 -4.97 16.65 -13.29
C ASN A 177 -4.42 16.26 -14.65
N GLN A 178 -4.98 15.19 -15.22
CA GLN A 178 -4.57 14.69 -16.51
C GLN A 178 -3.06 14.54 -16.67
N GLY A 179 -2.38 14.10 -15.62
CA GLY A 179 -0.94 13.91 -15.69
C GLY A 179 -0.08 15.11 -15.43
N ARG A 180 -0.69 16.30 -15.41
CA ARG A 180 0.04 17.54 -15.16
C ARG A 180 -0.09 18.00 -13.71
N ILE A 181 1.06 18.19 -13.06
CA ILE A 181 1.07 18.63 -11.67
C ILE A 181 0.45 20.02 -11.56
N ILE A 182 -0.49 20.17 -10.64
CA ILE A 182 -1.17 21.45 -10.45
C ILE A 182 -1.08 22.03 -9.04
N GLY A 183 -0.34 21.36 -8.17
CA GLY A 183 -0.20 21.85 -6.80
C GLY A 183 0.60 20.89 -5.95
N GLN A 184 1.12 21.37 -4.83
CA GLN A 184 1.90 20.53 -3.93
C GLN A 184 2.01 21.20 -2.57
N THR A 185 2.28 20.41 -1.53
CA THR A 185 2.39 20.95 -0.19
C THR A 185 3.44 20.21 0.58
N ASP A 186 4.06 20.92 1.53
CA ASP A 186 5.05 20.29 2.39
C ASP A 186 4.27 19.95 3.64
N ILE A 187 4.53 18.76 4.18
CA ILE A 187 3.86 18.32 5.38
C ILE A 187 4.75 18.59 6.56
N SER A 188 4.29 19.43 7.49
CA SER A 188 5.08 19.73 8.68
C SER A 188 4.84 18.57 9.64
N PHE A 189 5.91 17.86 9.96
CA PHE A 189 5.77 16.69 10.83
C PHE A 189 7.06 16.43 11.59
N ASN A 190 7.43 17.38 12.45
CA ASN A 190 8.66 17.26 13.22
C ASN A 190 8.55 16.25 14.38
N GLY A 191 9.45 15.27 14.36
CA GLY A 191 9.44 14.24 15.36
C GLY A 191 8.75 13.02 14.77
N GLY A 192 7.96 13.26 13.73
CA GLY A 192 7.24 12.18 13.07
C GLY A 192 7.86 11.74 11.76
N HIS A 193 7.49 10.55 11.29
CA HIS A 193 8.03 10.02 10.03
C HIS A 193 6.86 9.47 9.18
N ILE A 194 6.93 9.66 7.87
CA ILE A 194 5.87 9.22 6.97
C ILE A 194 6.41 8.49 5.74
N GLU A 195 5.81 7.35 5.41
CA GLU A 195 6.23 6.54 4.29
C GLU A 195 5.14 5.58 3.83
N GLU A 196 5.21 5.21 2.56
CA GLU A 196 4.30 4.24 1.97
C GLU A 196 2.84 4.36 2.43
N CYS A 197 2.25 5.53 2.18
CA CYS A 197 0.87 5.79 2.57
C CYS A 197 -0.16 5.01 1.78
N SER A 198 -1.10 4.41 2.50
CA SER A 198 -2.21 3.65 1.92
C SER A 198 -3.40 4.60 2.01
N CYS A 199 -3.77 5.23 0.90
CA CYS A 199 -4.87 6.18 0.94
C CYS A 199 -6.11 5.71 0.23
N TYR A 200 -7.21 6.39 0.53
CA TYR A 200 -8.50 6.11 -0.09
C TYR A 200 -9.32 7.39 0.02
N PRO A 201 -10.42 7.48 -0.74
CA PRO A 201 -11.23 8.70 -0.66
C PRO A 201 -12.39 8.51 0.31
N ASN A 202 -12.68 9.55 1.08
CA ASN A 202 -13.77 9.50 2.05
C ASN A 202 -14.37 10.89 2.26
N ASP A 203 -15.67 11.02 2.02
CA ASP A 203 -16.38 12.28 2.18
C ASP A 203 -15.72 13.47 1.46
N GLY A 204 -15.17 13.21 0.28
CA GLY A 204 -14.54 14.28 -0.48
C GLY A 204 -13.11 14.63 -0.11
N LYS A 205 -12.54 13.97 0.89
CA LYS A 205 -11.16 14.23 1.31
C LYS A 205 -10.35 12.95 1.15
N VAL A 206 -9.03 13.09 1.14
CA VAL A 206 -8.15 11.93 0.98
C VAL A 206 -7.56 11.53 2.32
N GLU A 207 -7.88 10.32 2.76
CA GLU A 207 -7.39 9.82 4.05
C GLU A 207 -6.33 8.75 3.84
N CYS A 208 -5.23 8.87 4.58
CA CYS A 208 -4.13 7.93 4.47
C CYS A 208 -3.64 7.48 5.84
N VAL A 209 -3.18 6.23 5.90
CA VAL A 209 -2.61 5.66 7.11
C VAL A 209 -1.27 5.18 6.59
N CYS A 210 -0.21 5.81 7.05
CA CYS A 210 1.12 5.50 6.56
C CYS A 210 2.04 4.70 7.48
N ARG A 211 3.35 4.82 7.23
CA ARG A 211 4.36 4.11 7.99
C ARG A 211 5.47 4.99 8.54
N ASP A 212 5.64 4.96 9.86
CA ASP A 212 6.71 5.72 10.51
C ASP A 212 7.84 4.72 10.72
N GLY A 213 8.92 4.92 9.98
CA GLY A 213 10.08 4.04 10.04
C GLY A 213 11.13 4.58 11.00
N TRP A 214 10.82 5.66 11.69
CA TRP A 214 11.76 6.30 12.60
C TRP A 214 11.59 5.85 14.05
N THR A 215 10.40 6.05 14.62
CA THR A 215 10.15 5.66 16.01
C THR A 215 8.72 5.16 16.29
N GLY A 216 7.84 5.23 15.29
CA GLY A 216 6.47 4.82 15.51
C GLY A 216 6.01 3.39 15.23
N THR A 217 5.35 2.80 16.23
CA THR A 217 4.81 1.45 16.11
C THR A 217 3.31 1.60 15.83
N ASN A 218 2.83 2.84 15.97
CA ASN A 218 1.46 3.17 15.65
C ASN A 218 1.64 3.91 14.34
N ARG A 219 0.61 3.93 13.50
CA ARG A 219 0.72 4.56 12.19
C ARG A 219 0.27 5.99 12.02
N PRO A 220 1.00 6.76 11.22
CA PRO A 220 0.57 8.15 11.01
C PRO A 220 -0.67 8.19 10.12
N VAL A 221 -1.41 9.29 10.24
CA VAL A 221 -2.64 9.49 9.48
C VAL A 221 -2.67 10.92 8.93
N LEU A 222 -3.19 11.11 7.72
CA LEU A 222 -3.29 12.45 7.18
C LEU A 222 -4.49 12.64 6.25
N VAL A 223 -5.36 13.58 6.62
CA VAL A 223 -6.53 13.89 5.82
C VAL A 223 -6.22 15.09 4.94
N ILE A 224 -6.17 14.83 3.63
CA ILE A 224 -5.87 15.84 2.63
C ILE A 224 -7.14 16.38 1.99
N SER A 225 -7.28 17.69 2.02
CA SER A 225 -8.44 18.34 1.45
C SER A 225 -8.07 18.76 0.04
N PRO A 226 -9.07 18.92 -0.83
CA PRO A 226 -8.81 19.32 -2.21
C PRO A 226 -7.89 20.55 -2.39
N ASP A 227 -7.90 21.47 -1.43
CA ASP A 227 -7.05 22.67 -1.54
C ASP A 227 -5.64 22.44 -1.01
N LEU A 228 -5.34 21.19 -0.70
CA LEU A 228 -4.04 20.78 -0.19
C LEU A 228 -3.75 21.19 1.24
N SER A 229 -4.79 21.65 1.94
CA SER A 229 -4.65 21.99 3.35
C SER A 229 -4.70 20.58 3.93
N TYR A 230 -4.31 20.37 5.18
CA TYR A 230 -4.30 19.01 5.68
C TYR A 230 -4.22 18.83 7.19
N ARG A 231 -4.47 17.61 7.63
CA ARG A 231 -4.37 17.25 9.04
C ARG A 231 -3.52 15.99 9.15
N VAL A 232 -2.40 16.10 9.86
CA VAL A 232 -1.50 14.96 10.02
C VAL A 232 -1.42 14.55 11.50
N GLY A 233 -1.15 13.28 11.75
CA GLY A 233 -1.03 12.78 13.11
C GLY A 233 -0.85 11.28 13.12
N TYR A 234 -1.42 10.61 14.12
CA TYR A 234 -1.33 9.15 14.21
C TYR A 234 -2.69 8.50 14.48
N LEU A 235 -2.83 7.26 14.03
CA LEU A 235 -4.05 6.51 14.27
C LEU A 235 -4.23 6.54 15.79
N CYS A 236 -5.33 7.12 16.25
CA CYS A 236 -5.60 7.24 17.67
C CYS A 236 -5.63 5.94 18.48
N ALA A 237 -6.19 4.89 17.92
CA ALA A 237 -6.32 3.60 18.59
C ALA A 237 -5.22 3.27 19.60
N GLY A 238 -5.63 2.71 20.73
CA GLY A 238 -4.70 2.33 21.78
C GLY A 238 -4.05 1.01 21.48
N ILE A 239 -3.98 0.69 20.20
CA ILE A 239 -3.39 -0.57 19.74
C ILE A 239 -2.42 -0.29 18.57
N PRO A 240 -1.17 -0.77 18.68
CA PRO A 240 -0.17 -0.57 17.63
C PRO A 240 -0.43 -1.49 16.45
N SER A 241 -0.16 -0.98 15.25
CA SER A 241 -0.39 -1.77 14.05
C SER A 241 0.78 -1.85 13.07
N ASP A 242 1.99 -1.53 13.52
CA ASP A 242 3.16 -1.61 12.63
C ASP A 242 4.01 -2.82 13.03
N THR A 243 5.02 -3.14 12.23
CA THR A 243 5.91 -4.25 12.53
C THR A 243 7.34 -3.79 12.28
N PRO A 244 8.23 -3.95 13.27
CA PRO A 244 8.00 -4.54 14.60
C PRO A 244 7.22 -3.64 15.54
N ARG A 245 6.68 -4.25 16.60
CA ARG A 245 5.91 -3.51 17.58
C ARG A 245 5.92 -4.23 18.93
N GLY A 246 5.54 -3.53 19.98
CA GLY A 246 5.50 -4.14 21.30
C GLY A 246 4.12 -4.68 21.53
N GLU A 247 3.87 -5.23 22.72
CA GLU A 247 2.56 -5.78 23.04
C GLU A 247 1.48 -4.70 23.17
N ASP A 248 0.23 -5.08 22.89
CA ASP A 248 -0.90 -4.15 22.99
C ASP A 248 -1.09 -3.64 24.40
N THR A 249 -0.78 -4.50 25.37
CA THR A 249 -0.91 -4.18 26.78
C THR A 249 0.17 -3.21 27.26
N GLN A 250 1.21 -3.04 26.45
CA GLN A 250 2.30 -2.13 26.77
C GLN A 250 2.17 -0.86 25.95
N PHE A 251 1.07 -0.74 25.22
CA PHE A 251 0.88 0.39 24.34
C PHE A 251 -0.26 1.35 24.69
N THR A 252 0.08 2.58 24.99
CA THR A 252 -0.95 3.58 25.28
C THR A 252 -1.14 4.29 23.94
N GLY A 253 -2.39 4.45 23.51
CA GLY A 253 -2.61 5.11 22.24
C GLY A 253 -2.19 6.57 22.23
N SER A 254 -2.21 7.17 21.04
CA SER A 254 -1.85 8.57 20.89
C SER A 254 -2.28 9.05 19.51
N CYS A 255 -3.11 10.10 19.49
CA CYS A 255 -3.58 10.67 18.23
C CYS A 255 -2.60 11.67 17.63
N THR A 256 -1.63 12.13 18.42
CA THR A 256 -0.71 13.14 17.94
C THR A 256 0.75 12.76 17.80
N SER A 257 1.18 11.72 18.51
CA SER A 257 2.59 11.33 18.47
C SER A 257 2.89 9.86 18.40
N PRO A 258 4.08 9.50 17.90
CA PRO A 258 4.51 8.11 17.76
C PRO A 258 4.81 7.50 19.13
N MET A 259 4.59 6.18 19.25
CA MET A 259 4.85 5.50 20.51
C MET A 259 5.43 4.09 20.38
N GLY A 260 6.35 3.77 21.27
CA GLY A 260 7.04 2.48 21.24
C GLY A 260 8.42 2.78 20.73
N ASN A 261 9.43 2.04 21.17
CA ASN A 261 10.77 2.34 20.69
C ASN A 261 11.21 1.40 19.59
N GLN A 262 10.38 1.33 18.56
CA GLN A 262 10.64 0.50 17.41
C GLN A 262 10.93 1.48 16.28
N GLY A 263 12.06 1.27 15.61
CA GLY A 263 12.44 2.17 14.54
C GLY A 263 12.30 1.62 13.14
N TYR A 264 11.66 0.47 12.98
CA TYR A 264 11.51 -0.08 11.63
C TYR A 264 10.05 0.10 11.20
N GLY A 265 9.55 -0.85 10.42
CA GLY A 265 8.17 -0.77 9.99
C GLY A 265 7.85 -1.59 8.76
N VAL A 266 6.57 -1.60 8.40
CA VAL A 266 6.10 -2.29 7.21
C VAL A 266 4.87 -1.54 6.72
N LYS A 267 4.67 -1.54 5.40
CA LYS A 267 3.53 -0.84 4.83
C LYS A 267 2.25 -1.53 5.28
N GLY A 268 1.36 -0.73 5.89
CA GLY A 268 0.09 -1.25 6.37
C GLY A 268 -1.02 -0.32 5.99
N PHE A 269 -2.21 -0.49 6.57
CA PHE A 269 -3.34 0.36 6.21
C PHE A 269 -4.42 0.46 7.27
N GLY A 270 -5.42 1.30 6.98
CA GLY A 270 -6.53 1.49 7.89
C GLY A 270 -7.68 2.19 7.21
N PHE A 271 -8.91 1.82 7.58
CA PHE A 271 -10.10 2.45 7.01
C PHE A 271 -10.95 3.07 8.09
N ARG A 272 -11.28 4.35 7.91
CA ARG A 272 -12.13 4.99 8.88
C ARG A 272 -13.54 4.46 8.69
N GLN A 273 -14.25 4.34 9.81
CA GLN A 273 -15.64 3.89 9.81
C GLN A 273 -16.33 4.81 10.82
N GLY A 274 -16.80 5.96 10.34
CA GLY A 274 -17.43 6.91 11.24
C GLY A 274 -16.32 7.45 12.12
N THR A 275 -16.28 7.00 13.38
CA THR A 275 -15.21 7.40 14.29
C THR A 275 -14.42 6.15 14.63
N ASP A 276 -14.91 5.01 14.14
CA ASP A 276 -14.28 3.69 14.34
C ASP A 276 -13.14 3.56 13.33
N VAL A 277 -12.50 2.40 13.32
CA VAL A 277 -11.43 2.18 12.36
C VAL A 277 -11.07 0.70 12.16
N TRP A 278 -10.91 0.32 10.90
CA TRP A 278 -10.50 -1.04 10.56
C TRP A 278 -8.99 -0.89 10.37
N MET A 279 -8.22 -1.62 11.17
CA MET A 279 -6.76 -1.55 11.05
C MET A 279 -6.18 -2.92 10.81
N GLY A 280 -5.27 -3.00 9.85
CA GLY A 280 -4.64 -4.26 9.53
C GLY A 280 -3.27 -4.35 10.20
N ARG A 281 -2.74 -5.57 10.30
CA ARG A 281 -1.44 -5.78 10.88
C ARG A 281 -1.02 -7.24 10.78
N THR A 282 0.29 -7.47 10.86
CA THR A 282 0.81 -8.82 10.79
C THR A 282 0.52 -9.42 12.18
N ILE A 283 0.18 -10.70 12.24
CA ILE A 283 -0.10 -11.32 13.52
C ILE A 283 1.15 -11.22 14.37
N SER A 284 2.28 -11.72 13.87
CA SER A 284 3.53 -11.63 14.59
C SER A 284 3.81 -10.17 14.86
N ARG A 285 4.44 -9.88 16.00
CA ARG A 285 4.75 -8.50 16.35
C ARG A 285 6.17 -8.14 15.91
N THR A 286 6.96 -9.16 15.57
CA THR A 286 8.34 -8.98 15.14
C THR A 286 8.59 -9.32 13.67
N SER A 287 7.97 -10.39 13.20
CA SER A 287 8.15 -10.82 11.82
C SER A 287 6.98 -10.44 10.93
N ARG A 288 7.23 -10.48 9.62
CA ARG A 288 6.18 -10.18 8.66
C ARG A 288 5.49 -11.50 8.34
N SER A 289 4.73 -11.98 9.31
CA SER A 289 3.99 -13.24 9.16
C SER A 289 2.57 -13.11 9.69
N GLY A 290 1.63 -13.71 8.98
CA GLY A 290 0.23 -13.66 9.38
C GLY A 290 -0.36 -12.29 9.11
N PHE A 291 -1.66 -12.23 8.86
CA PHE A 291 -2.31 -10.96 8.64
C PHE A 291 -3.71 -10.98 9.24
N GLU A 292 -4.10 -9.85 9.81
CA GLU A 292 -5.39 -9.72 10.44
C GLU A 292 -5.84 -8.28 10.42
N ILE A 293 -7.16 -8.08 10.41
CA ILE A 293 -7.67 -6.73 10.43
C ILE A 293 -8.62 -6.64 11.62
N LEU A 294 -8.43 -5.60 12.44
CA LEU A 294 -9.24 -5.42 13.62
C LEU A 294 -10.05 -4.14 13.48
N ARG A 295 -11.29 -4.17 13.99
CA ARG A 295 -12.12 -2.98 13.98
C ARG A 295 -12.21 -2.49 15.42
N ILE A 296 -11.65 -1.31 15.68
CA ILE A 296 -11.65 -0.72 17.01
C ILE A 296 -12.72 0.36 17.15
N LYS A 297 -13.53 0.24 18.21
CA LYS A 297 -14.59 1.21 18.48
C LYS A 297 -13.96 2.57 18.78
N ASN A 298 -14.37 3.59 18.04
CA ASN A 298 -13.84 4.94 18.22
C ASN A 298 -12.32 4.98 18.11
N GLY A 299 -11.76 3.98 17.44
CA GLY A 299 -10.32 3.91 17.29
C GLY A 299 -9.72 4.94 16.37
N TRP A 300 -10.55 5.69 15.65
CA TRP A 300 -10.03 6.70 14.75
C TRP A 300 -9.91 8.07 15.42
N THR A 301 -10.70 8.27 16.47
CA THR A 301 -10.72 9.53 17.19
C THR A 301 -10.37 9.41 18.68
N GLN A 302 -10.21 8.18 19.16
CA GLN A 302 -9.89 7.98 20.57
C GLN A 302 -8.80 6.93 20.79
N THR A 303 -8.09 7.07 21.91
CA THR A 303 -7.02 6.15 22.28
C THR A 303 -7.65 4.81 22.70
N SER A 304 -8.77 4.50 22.05
CA SER A 304 -9.54 3.29 22.30
C SER A 304 -8.88 1.97 21.94
N LYS A 305 -9.20 0.94 22.71
CA LYS A 305 -8.69 -0.38 22.43
C LYS A 305 -9.84 -1.36 22.54
N GLU A 306 -11.04 -0.83 22.35
CA GLU A 306 -12.24 -1.65 22.40
C GLU A 306 -12.41 -2.34 21.05
N GLN A 307 -12.05 -3.62 21.00
CA GLN A 307 -12.14 -4.42 19.78
C GLN A 307 -13.55 -5.00 19.60
N ILE A 308 -14.12 -4.79 18.42
CA ILE A 308 -15.46 -5.27 18.11
C ILE A 308 -15.45 -6.37 17.05
N ARG A 309 -14.40 -6.40 16.24
CA ARG A 309 -14.29 -7.42 15.21
C ARG A 309 -12.84 -7.77 14.94
N LYS A 310 -12.61 -9.03 14.58
CA LYS A 310 -11.29 -9.54 14.28
C LYS A 310 -11.46 -10.64 13.25
N GLN A 311 -10.70 -10.53 12.16
CA GLN A 311 -10.76 -11.49 11.08
C GLN A 311 -9.33 -11.76 10.60
N VAL A 312 -8.97 -13.03 10.54
CA VAL A 312 -7.64 -13.44 10.09
C VAL A 312 -7.72 -13.80 8.60
N VAL A 313 -6.74 -13.35 7.83
CA VAL A 313 -6.70 -13.61 6.39
C VAL A 313 -5.50 -14.48 6.01
N VAL A 314 -4.48 -14.45 6.85
CA VAL A 314 -3.28 -15.26 6.67
C VAL A 314 -2.86 -15.62 8.08
N ASP A 315 -2.90 -16.91 8.44
CA ASP A 315 -2.54 -17.29 9.79
C ASP A 315 -1.09 -16.96 10.10
N ASN A 316 -0.70 -17.12 11.37
CA ASN A 316 0.65 -16.79 11.80
C ASN A 316 1.75 -17.81 11.47
N LEU A 317 1.41 -18.87 10.76
CA LEU A 317 2.41 -19.86 10.37
C LEU A 317 2.83 -19.57 8.94
N ASN A 318 2.24 -18.52 8.37
CA ASN A 318 2.53 -18.15 7.00
C ASN A 318 3.05 -16.72 6.85
N TRP A 319 3.82 -16.50 5.80
CA TRP A 319 4.40 -15.20 5.54
C TRP A 319 3.42 -14.20 4.97
N SER A 320 3.52 -12.96 5.47
CA SER A 320 2.65 -11.89 5.00
C SER A 320 3.57 -10.75 4.56
N GLY A 321 3.27 -9.53 4.99
CA GLY A 321 4.09 -8.40 4.60
C GLY A 321 3.29 -7.15 4.30
N TYR A 322 3.58 -6.51 3.17
CA TYR A 322 2.88 -5.29 2.81
C TYR A 322 1.38 -5.47 2.67
N SER A 323 0.66 -4.36 2.79
CA SER A 323 -0.78 -4.33 2.64
C SER A 323 -1.18 -2.88 2.40
N GLY A 324 -2.14 -2.68 1.51
CA GLY A 324 -2.57 -1.33 1.20
C GLY A 324 -4.03 -1.21 0.84
N SER A 325 -4.49 0.03 0.76
CA SER A 325 -5.89 0.31 0.46
C SER A 325 -6.19 0.72 -0.96
N PHE A 326 -7.48 0.88 -1.21
CA PHE A 326 -8.06 1.34 -2.48
C PHE A 326 -9.57 1.11 -2.30
N THR A 327 -10.35 1.68 -3.21
CA THR A 327 -11.80 1.59 -3.11
C THR A 327 -12.43 1.08 -4.40
N LEU A 328 -13.60 0.46 -4.29
CA LEU A 328 -14.28 -0.03 -5.49
C LEU A 328 -15.08 1.11 -6.08
N PRO A 329 -14.86 1.39 -7.37
CA PRO A 329 -15.62 2.48 -7.98
C PRO A 329 -17.14 2.20 -7.98
N VAL A 330 -17.92 3.22 -7.64
CA VAL A 330 -19.38 3.09 -7.60
C VAL A 330 -19.94 2.57 -8.94
N GLU A 331 -19.24 2.85 -10.04
CA GLU A 331 -19.66 2.40 -11.36
C GLU A 331 -19.49 0.88 -11.50
N LEU A 332 -18.82 0.27 -10.52
CA LEU A 332 -18.61 -1.17 -10.55
C LEU A 332 -19.43 -1.90 -9.49
N SER A 333 -19.54 -1.28 -8.31
CA SER A 333 -20.27 -1.89 -7.18
C SER A 333 -21.75 -1.55 -7.11
N GLY A 334 -22.15 -0.46 -7.76
CA GLY A 334 -23.54 -0.05 -7.74
C GLY A 334 -23.96 0.63 -6.46
N LYS A 335 -23.14 0.47 -5.41
CA LYS A 335 -23.41 1.07 -4.10
C LYS A 335 -23.50 2.59 -4.20
N ASP A 336 -23.92 3.20 -3.10
CA ASP A 336 -24.04 4.65 -2.99
C ASP A 336 -22.88 5.13 -2.13
N CYS A 337 -22.05 4.17 -1.69
CA CYS A 337 -20.89 4.50 -0.88
C CYS A 337 -19.65 3.86 -1.51
N LEU A 338 -18.47 4.24 -1.04
CA LEU A 338 -17.21 3.72 -1.57
C LEU A 338 -16.74 2.46 -0.83
N VAL A 339 -16.95 1.29 -1.45
CA VAL A 339 -16.56 0.00 -0.87
C VAL A 339 -15.06 -0.08 -0.60
N PRO A 340 -14.66 -0.17 0.68
CA PRO A 340 -13.24 -0.23 1.05
C PRO A 340 -12.65 -1.63 0.87
N CYS A 341 -11.51 -1.70 0.18
CA CYS A 341 -10.83 -2.97 -0.06
C CYS A 341 -9.34 -2.86 0.23
N PHE A 342 -8.70 -4.01 0.38
CA PHE A 342 -7.26 -4.05 0.61
C PHE A 342 -6.65 -5.31 0.04
N TRP A 343 -5.31 -5.33 0.03
CA TRP A 343 -4.56 -6.48 -0.47
C TRP A 343 -3.46 -6.76 0.54
N VAL A 344 -3.07 -8.02 0.60
CA VAL A 344 -2.02 -8.43 1.50
C VAL A 344 -0.94 -9.04 0.65
N GLU A 345 0.29 -8.58 0.85
CA GLU A 345 1.42 -9.12 0.10
C GLU A 345 2.01 -10.24 0.94
N MET A 346 2.34 -11.35 0.29
CA MET A 346 2.90 -12.50 0.96
C MET A 346 4.26 -12.74 0.36
N ILE A 347 5.27 -12.26 1.07
CA ILE A 347 6.66 -12.37 0.64
C ILE A 347 7.26 -13.74 0.93
N ARG A 348 7.95 -14.27 -0.08
CA ARG A 348 8.62 -15.57 0.02
C ARG A 348 10.08 -15.37 -0.34
N GLY A 349 10.93 -16.27 0.17
CA GLY A 349 12.36 -16.17 -0.12
C GLY A 349 13.09 -15.39 0.96
N LYS A 350 14.25 -14.86 0.61
CA LYS A 350 15.04 -14.10 1.56
C LYS A 350 14.23 -12.88 1.98
N PRO A 351 14.51 -12.34 3.17
CA PRO A 351 15.51 -12.80 4.13
C PRO A 351 15.12 -13.99 5.01
N GLU A 352 13.83 -14.25 5.16
CA GLU A 352 13.37 -15.36 6.00
C GLU A 352 13.62 -16.79 5.51
N GLU A 353 13.67 -17.01 4.21
CA GLU A 353 13.86 -18.35 3.69
C GLU A 353 15.17 -18.56 2.93
N LYS A 354 15.63 -19.81 2.91
CA LYS A 354 16.88 -20.14 2.25
C LYS A 354 16.76 -20.33 0.73
N THR A 355 16.77 -19.20 0.03
CA THR A 355 16.68 -19.16 -1.43
C THR A 355 17.55 -18.00 -1.90
N ILE A 356 17.95 -18.02 -3.18
CA ILE A 356 18.77 -16.94 -3.72
C ILE A 356 17.89 -15.78 -4.16
N TRP A 357 16.58 -15.96 -4.07
CA TRP A 357 15.65 -14.92 -4.52
C TRP A 357 14.63 -14.46 -3.49
N THR A 358 13.91 -13.41 -3.88
CA THR A 358 12.86 -12.82 -3.07
C THR A 358 11.76 -12.25 -3.95
N SER A 359 10.55 -12.74 -3.73
CA SER A 359 9.40 -12.23 -4.47
C SER A 359 8.20 -12.28 -3.55
N SER A 360 7.03 -11.99 -4.10
CA SER A 360 5.82 -12.02 -3.29
C SER A 360 4.57 -12.31 -4.11
N SER A 361 3.52 -12.66 -3.39
CA SER A 361 2.22 -13.00 -3.96
C SER A 361 1.22 -12.09 -3.27
N SER A 362 -0.04 -12.11 -3.68
CA SER A 362 -1.01 -11.26 -3.03
C SER A 362 -2.41 -11.84 -3.01
N ILE A 363 -3.19 -11.41 -2.01
CA ILE A 363 -4.58 -11.82 -1.90
C ILE A 363 -5.33 -10.51 -1.74
N VAL A 364 -6.52 -10.44 -2.33
CA VAL A 364 -7.33 -9.21 -2.27
C VAL A 364 -8.67 -9.44 -1.56
N MET A 365 -9.04 -8.50 -0.70
CA MET A 365 -10.29 -8.60 0.07
C MET A 365 -11.09 -7.30 -0.07
N CYS A 366 -12.42 -7.39 0.00
CA CYS A 366 -13.27 -6.21 -0.13
C CYS A 366 -14.40 -6.05 0.88
N GLY A 367 -14.72 -4.78 1.15
CA GLY A 367 -15.76 -4.35 2.08
C GLY A 367 -16.78 -5.33 2.63
N VAL A 368 -17.90 -5.51 1.94
CA VAL A 368 -18.93 -6.46 2.40
C VAL A 368 -19.60 -6.16 3.74
N ASP A 369 -20.92 -6.33 3.78
CA ASP A 369 -21.72 -6.07 4.96
C ASP A 369 -22.06 -7.33 5.77
N TYR A 370 -21.12 -8.27 5.81
CA TYR A 370 -21.31 -9.51 6.55
C TYR A 370 -20.04 -9.86 7.29
N GLU A 371 -20.18 -10.69 8.32
CA GLU A 371 -19.02 -11.14 9.07
C GLU A 371 -18.45 -12.32 8.31
N VAL A 372 -17.17 -12.21 7.95
CA VAL A 372 -16.49 -13.26 7.22
C VAL A 372 -15.64 -14.10 8.18
N ALA A 373 -15.75 -15.42 8.06
CA ALA A 373 -15.00 -16.32 8.93
C ALA A 373 -13.49 -16.25 8.69
N ASP A 374 -12.72 -16.55 9.73
CA ASP A 374 -11.26 -16.53 9.65
C ASP A 374 -10.75 -17.68 8.81
N TRP A 375 -9.62 -17.46 8.14
CA TRP A 375 -8.99 -18.50 7.34
C TRP A 375 -7.62 -18.05 6.88
N SER A 376 -6.93 -18.89 6.13
CA SER A 376 -5.62 -18.52 5.65
C SER A 376 -5.43 -18.78 4.16
N TRP A 377 -5.51 -17.71 3.38
CA TRP A 377 -5.31 -17.79 1.94
C TRP A 377 -3.83 -17.48 1.67
N HIS A 378 -2.94 -18.23 2.35
CA HIS A 378 -1.51 -18.00 2.20
C HIS A 378 -0.91 -18.32 0.83
N ASP A 379 0.32 -17.87 0.62
CA ASP A 379 1.03 -18.09 -0.63
C ASP A 379 0.94 -19.54 -1.09
N GLY A 380 1.51 -20.43 -0.27
CA GLY A 380 1.46 -21.85 -0.61
C GLY A 380 2.57 -22.40 -1.47
N ALA A 381 3.52 -21.56 -1.89
CA ALA A 381 4.61 -22.06 -2.72
C ALA A 381 5.55 -22.97 -1.90
N ILE A 382 6.18 -23.93 -2.55
CA ILE A 382 7.08 -24.85 -1.88
C ILE A 382 8.56 -24.52 -2.13
N LEU A 383 9.23 -24.01 -1.09
CA LEU A 383 10.64 -23.64 -1.21
C LEU A 383 11.60 -24.66 -0.65
N PRO A 384 12.85 -24.67 -1.17
CA PRO A 384 13.32 -23.77 -2.23
C PRO A 384 12.85 -24.22 -3.62
N PHE A 385 13.08 -23.38 -4.63
CA PHE A 385 12.71 -23.72 -6.01
C PHE A 385 13.91 -24.39 -6.66
N ASP A 386 13.81 -24.65 -7.97
CA ASP A 386 14.93 -25.26 -8.70
C ASP A 386 16.15 -24.34 -8.48
N ILE A 387 15.92 -23.33 -7.64
CA ILE A 387 16.87 -22.34 -7.20
C ILE A 387 17.98 -22.05 -8.21
#